data_7F0X
#
_entry.id   7F0X
#
_cell.length_a   75.369
_cell.length_b   75.369
_cell.length_c   186.632
_cell.angle_alpha   90.000
_cell.angle_beta   90.000
_cell.angle_gamma   120.000
#
_symmetry.space_group_name_H-M   'P 31 2 1'
#
loop_
_entity.id
_entity.type
_entity.pdbx_description
1 polymer 'Spike protein S1'
2 polymer Antibody
#
loop_
_entity_poly.entity_id
_entity_poly.type
_entity_poly.pdbx_seq_one_letter_code
_entity_poly.pdbx_strand_id
1 'polypeptide(L)'
;NLCPFGEVFNATRFASVYAWNRKRISNCVADYSVLYNSASFSTFKCYGVSPTKLNDLCFTNVYADSFVIRGDEVRQIAPG
QTGKIADYNYKLPDDFTGCVIAWNSNNLDSKVGGNYNYLYRLFRKSNLKPFERDISTEIYQAGSTPCNGVEGFNCYFPLQ
SYGFQPTNGVGYQPYRVVVLSFELLHAPATVCGP
;
A
2 'polypeptide(L)'
;EVQLQQSGPELVKPGASVKISCKTSGYTFTEYTMYWVKQSHGKSLEWFGGINPNNGDTSYNQKFKGKATLTVDKSSTTAY
MDLRSLTSEDSAVYYCARDGYPYYFAMDYWGQGTSVTVSSGGGGSGGGGSGGGGSDIVMTQSQKFMSTSVGDRVSVTCKA
SQNVDTNVAWYQQKPGQSPKGLIYSASHRYSGVPDRFTGSGSGTDFTLTISNVQSEDLADYFCQQYNTYPWTFGGGTKLE
IKAAAHHHHHHHH
;
B
#
# COMPACT_ATOMS: atom_id res chain seq x y z
N ASN A 1 -18.51 -47.65 2.24
CA ASN A 1 -17.98 -47.07 1.00
C ASN A 1 -17.07 -45.86 1.24
N LEU A 2 -15.75 -46.06 1.14
CA LEU A 2 -14.81 -44.99 1.41
C LEU A 2 -14.96 -43.84 0.42
N CYS A 3 -14.49 -42.67 0.82
CA CYS A 3 -14.72 -41.47 0.03
C CYS A 3 -13.88 -41.50 -1.25
N PRO A 4 -14.36 -40.83 -2.32
CA PRO A 4 -13.67 -40.84 -3.63
C PRO A 4 -12.64 -39.71 -3.80
N PHE A 5 -11.53 -39.84 -3.08
CA PHE A 5 -10.57 -38.73 -3.01
C PHE A 5 -9.71 -38.59 -4.25
N GLY A 6 -9.56 -39.64 -5.05
CA GLY A 6 -8.76 -39.53 -6.25
C GLY A 6 -9.23 -38.44 -7.19
N GLU A 7 -10.52 -38.11 -7.15
CA GLU A 7 -11.05 -37.11 -8.06
C GLU A 7 -10.44 -35.74 -7.82
N VAL A 8 -10.07 -35.46 -6.56
CA VAL A 8 -9.47 -34.16 -6.22
C VAL A 8 -7.97 -34.35 -6.02
N PHE A 9 -7.57 -35.52 -5.51
CA PHE A 9 -6.15 -35.79 -5.28
C PHE A 9 -5.42 -36.05 -6.59
N ASN A 10 -5.95 -36.96 -7.40
CA ASN A 10 -5.27 -37.38 -8.63
C ASN A 10 -5.72 -36.59 -9.86
N ALA A 11 -6.52 -35.55 -9.68
CA ALA A 11 -6.96 -34.75 -10.82
C ALA A 11 -5.75 -34.21 -11.58
N THR A 12 -5.85 -34.19 -12.90
CA THR A 12 -4.68 -33.86 -13.71
C THR A 12 -4.40 -32.36 -13.71
N ARG A 13 -5.42 -31.54 -13.50
CA ARG A 13 -5.25 -30.10 -13.40
C ARG A 13 -5.77 -29.60 -12.05
N PHE A 14 -5.01 -28.73 -11.41
CA PHE A 14 -5.40 -28.07 -10.18
C PHE A 14 -5.65 -26.59 -10.45
N ALA A 15 -6.30 -25.95 -9.48
CA ALA A 15 -6.65 -24.54 -9.59
C ALA A 15 -5.63 -23.67 -8.88
N SER A 16 -5.56 -22.41 -9.32
CA SER A 16 -4.82 -21.41 -8.57
C SER A 16 -5.44 -21.22 -7.19
N VAL A 17 -4.64 -20.70 -6.25
CA VAL A 17 -5.14 -20.53 -4.89
C VAL A 17 -6.18 -19.42 -4.83
N TYR A 18 -6.08 -18.40 -5.68
CA TYR A 18 -7.04 -17.30 -5.61
C TYR A 18 -8.39 -17.68 -6.19
N ALA A 19 -8.43 -18.62 -7.12
CA ALA A 19 -9.70 -19.19 -7.56
C ALA A 19 -9.76 -20.63 -7.07
N TRP A 20 -9.51 -20.85 -5.79
CA TRP A 20 -9.34 -22.20 -5.28
C TRP A 20 -10.59 -23.04 -5.53
N ASN A 21 -10.37 -24.34 -5.66
CA ASN A 21 -11.40 -25.29 -6.03
C ASN A 21 -12.06 -25.87 -4.79
N ARG A 22 -13.39 -25.97 -4.82
CA ARG A 22 -14.16 -26.52 -3.72
C ARG A 22 -15.03 -27.66 -4.25
N LYS A 23 -14.76 -28.88 -3.79
CA LYS A 23 -15.58 -30.04 -4.09
C LYS A 23 -16.17 -30.57 -2.80
N ARG A 24 -17.49 -30.76 -2.78
CA ARG A 24 -18.16 -31.42 -1.67
C ARG A 24 -18.39 -32.88 -1.99
N ILE A 25 -18.33 -33.73 -0.97
CA ILE A 25 -18.67 -35.14 -1.09
C ILE A 25 -19.47 -35.55 0.15
N SER A 26 -20.37 -36.51 -0.03
CA SER A 26 -21.41 -36.77 0.96
C SER A 26 -21.45 -38.24 1.37
N ASN A 27 -21.71 -38.48 2.65
CA ASN A 27 -22.11 -39.78 3.18
C ASN A 27 -21.08 -40.88 2.89
N CYS A 28 -19.84 -40.64 3.29
CA CYS A 28 -18.79 -41.62 3.04
C CYS A 28 -17.89 -41.72 4.27
N VAL A 29 -16.83 -42.52 4.13
CA VAL A 29 -15.90 -42.84 5.21
C VAL A 29 -14.52 -42.30 4.85
N ALA A 30 -13.87 -41.66 5.83
CA ALA A 30 -12.50 -41.20 5.69
C ALA A 30 -11.65 -41.89 6.76
N ASP A 31 -10.76 -42.77 6.30
CA ASP A 31 -9.80 -43.50 7.17
C ASP A 31 -8.47 -42.75 7.10
N TYR A 32 -7.77 -42.63 8.23
CA TYR A 32 -6.50 -41.90 8.27
C TYR A 32 -5.38 -42.71 7.64
N SER A 33 -5.16 -43.94 8.15
CA SER A 33 -4.10 -44.78 7.61
C SER A 33 -4.30 -45.03 6.12
N VAL A 34 -5.55 -45.09 5.65
CA VAL A 34 -5.81 -45.46 4.26
C VAL A 34 -5.33 -44.37 3.31
N LEU A 35 -5.31 -43.12 3.77
CA LEU A 35 -4.94 -42.01 2.91
C LEU A 35 -3.58 -41.41 3.25
N TYR A 36 -3.15 -41.51 4.50
CA TYR A 36 -1.77 -41.17 4.84
C TYR A 36 -0.79 -42.03 4.06
N ASN A 37 -1.00 -43.35 4.09
CA ASN A 37 -0.16 -44.29 3.35
C ASN A 37 -0.45 -44.30 1.86
N SER A 38 -1.33 -43.40 1.38
CA SER A 38 -1.66 -43.39 -0.05
C SER A 38 -0.47 -42.98 -0.90
N ALA A 39 0.33 -42.03 -0.43
CA ALA A 39 1.32 -41.45 -1.33
C ALA A 39 2.41 -40.75 -0.53
N SER A 40 3.18 -39.91 -1.21
CA SER A 40 4.34 -39.22 -0.67
C SER A 40 3.90 -37.82 -0.27
N PHE A 41 3.67 -37.61 1.02
CA PHE A 41 3.13 -36.34 1.52
C PHE A 41 4.20 -35.61 2.32
N SER A 42 4.47 -34.36 1.92
CA SER A 42 5.41 -33.50 2.64
C SER A 42 4.77 -32.76 3.81
N THR A 43 3.44 -32.65 3.77
CA THR A 43 2.67 -31.94 4.83
C THR A 43 1.35 -32.68 5.05
N PHE A 44 1.09 -33.14 6.28
CA PHE A 44 -0.16 -33.88 6.57
C PHE A 44 -0.55 -33.66 8.03
N LYS A 45 -1.09 -32.47 8.33
CA LYS A 45 -1.48 -32.14 9.73
C LYS A 45 -3.01 -32.09 9.82
N CYS A 46 -3.54 -32.44 11.00
CA CYS A 46 -4.97 -32.44 11.27
C CYS A 46 -5.26 -31.64 12.52
N TYR A 47 -6.18 -30.71 12.39
CA TYR A 47 -6.49 -29.79 13.50
C TYR A 47 -7.89 -30.05 13.98
N GLY A 48 -8.16 -29.75 15.24
CA GLY A 48 -9.50 -29.97 15.79
C GLY A 48 -9.64 -31.41 16.22
N VAL A 49 -9.81 -32.30 15.26
CA VAL A 49 -9.99 -33.76 15.44
C VAL A 49 -8.66 -34.46 15.66
N SER A 50 -8.72 -35.76 15.90
CA SER A 50 -7.49 -36.57 16.06
C SER A 50 -7.39 -37.50 14.86
N PRO A 51 -6.21 -37.62 14.26
CA PRO A 51 -6.02 -38.46 13.09
C PRO A 51 -6.55 -39.87 13.35
N THR A 52 -6.11 -40.50 14.42
CA THR A 52 -6.51 -41.89 14.75
C THR A 52 -8.03 -42.12 14.75
N LYS A 53 -8.84 -41.15 15.17
CA LYS A 53 -10.31 -41.26 15.20
C LYS A 53 -10.93 -40.57 14.00
N LEU A 54 -10.25 -40.53 12.85
CA LEU A 54 -10.84 -39.85 11.70
C LEU A 54 -12.06 -40.60 11.17
N ASN A 55 -12.01 -41.94 11.12
CA ASN A 55 -13.14 -42.72 10.64
C ASN A 55 -14.04 -43.21 11.77
N ASP A 56 -13.79 -42.78 13.01
CA ASP A 56 -14.74 -42.91 14.11
C ASP A 56 -15.69 -41.72 14.19
N LEU A 57 -15.79 -40.96 13.10
CA LEU A 57 -16.42 -39.65 13.10
C LEU A 57 -17.66 -39.65 12.19
N CYS A 58 -18.65 -38.85 12.57
CA CYS A 58 -19.85 -38.65 11.77
C CYS A 58 -19.99 -37.17 11.43
N PHE A 59 -20.44 -36.90 10.20
CA PHE A 59 -20.54 -35.56 9.63
C PHE A 59 -21.51 -35.63 8.46
N THR A 60 -21.98 -34.46 8.03
CA THR A 60 -22.86 -34.41 6.88
C THR A 60 -22.07 -34.58 5.58
N ASN A 61 -21.43 -33.51 5.14
CA ASN A 61 -20.61 -33.51 3.94
C ASN A 61 -19.14 -33.33 4.32
N VAL A 62 -18.26 -33.46 3.31
CA VAL A 62 -16.86 -33.05 3.42
C VAL A 62 -16.54 -32.18 2.22
N TYR A 63 -15.95 -31.01 2.48
CA TYR A 63 -15.48 -30.14 1.43
C TYR A 63 -13.98 -30.36 1.25
N ALA A 64 -13.58 -30.75 0.05
CA ALA A 64 -12.18 -30.96 -0.30
C ALA A 64 -11.80 -29.75 -1.16
N ASP A 65 -11.27 -28.73 -0.49
CA ASP A 65 -10.70 -27.58 -1.18
C ASP A 65 -9.30 -27.95 -1.66
N SER A 66 -8.93 -27.38 -2.82
CA SER A 66 -7.67 -27.78 -3.41
C SER A 66 -7.18 -26.68 -4.34
N PHE A 67 -5.87 -26.55 -4.43
CA PHE A 67 -5.21 -25.47 -5.16
C PHE A 67 -3.73 -25.80 -5.21
N VAL A 68 -2.98 -24.94 -5.92
CA VAL A 68 -1.54 -25.07 -6.03
C VAL A 68 -0.91 -23.77 -5.57
N ILE A 69 -0.02 -23.88 -4.57
CA ILE A 69 0.80 -22.78 -4.10
C ILE A 69 2.24 -23.26 -4.10
N ARG A 70 3.15 -22.48 -3.51
CA ARG A 70 4.56 -22.84 -3.56
C ARG A 70 5.04 -23.29 -2.19
N GLY A 71 6.22 -23.92 -2.20
CA GLY A 71 6.65 -24.74 -1.08
C GLY A 71 6.65 -24.01 0.25
N ASP A 72 7.32 -22.87 0.31
CA ASP A 72 7.39 -22.11 1.55
C ASP A 72 6.13 -21.29 1.81
N GLU A 73 5.05 -21.54 1.07
CA GLU A 73 3.75 -20.99 1.37
C GLU A 73 2.80 -22.02 1.97
N VAL A 74 3.18 -23.29 2.00
CA VAL A 74 2.39 -24.33 2.66
C VAL A 74 2.25 -24.08 4.16
N ARG A 75 3.24 -23.48 4.80
CA ARG A 75 3.10 -23.24 6.24
C ARG A 75 1.98 -22.24 6.53
N GLN A 76 1.57 -21.44 5.54
CA GLN A 76 0.47 -20.50 5.71
C GLN A 76 -0.89 -21.19 5.74
N ILE A 77 -0.98 -22.42 5.22
CA ILE A 77 -2.26 -23.12 5.22
C ILE A 77 -2.42 -23.76 6.59
N ALA A 78 -2.83 -22.93 7.55
CA ALA A 78 -3.02 -23.33 8.92
C ALA A 78 -3.89 -22.29 9.58
N PRO A 79 -4.53 -22.61 10.70
CA PRO A 79 -5.30 -21.59 11.44
C PRO A 79 -4.38 -20.54 12.04
N GLY A 80 -4.86 -19.30 12.04
CA GLY A 80 -4.15 -18.21 12.69
C GLY A 80 -2.87 -17.77 12.04
N GLN A 81 -2.62 -18.16 10.79
CA GLN A 81 -1.41 -17.75 10.09
C GLN A 81 -1.61 -16.37 9.47
N THR A 82 -0.65 -15.96 8.65
CA THR A 82 -0.66 -14.64 8.05
C THR A 82 0.31 -14.62 6.88
N GLY A 83 0.11 -13.68 5.97
CA GLY A 83 0.90 -13.56 4.76
C GLY A 83 0.02 -13.51 3.53
N LYS A 84 0.68 -13.44 2.37
CA LYS A 84 -0.04 -13.20 1.12
C LYS A 84 -1.09 -14.28 0.86
N ILE A 85 -0.76 -15.55 1.11
CA ILE A 85 -1.73 -16.61 0.86
C ILE A 85 -2.87 -16.55 1.87
N ALA A 86 -2.53 -16.66 3.16
CA ALA A 86 -3.57 -16.74 4.20
C ALA A 86 -4.32 -15.44 4.41
N ASP A 87 -3.87 -14.32 3.83
CA ASP A 87 -4.58 -13.06 3.98
C ASP A 87 -5.36 -12.65 2.74
N TYR A 88 -4.97 -13.13 1.57
CA TYR A 88 -5.58 -12.67 0.32
C TYR A 88 -6.11 -13.80 -0.55
N ASN A 89 -5.78 -15.05 -0.26
CA ASN A 89 -6.08 -16.16 -1.15
C ASN A 89 -6.93 -17.24 -0.48
N TYR A 90 -6.52 -17.75 0.69
CA TYR A 90 -7.20 -18.88 1.30
C TYR A 90 -6.99 -18.85 2.81
N LYS A 91 -7.96 -18.32 3.55
CA LYS A 91 -7.87 -18.25 5.00
C LYS A 91 -8.49 -19.48 5.63
N LEU A 92 -7.79 -20.09 6.58
CA LEU A 92 -8.49 -21.09 7.37
C LEU A 92 -8.97 -20.48 8.68
N PRO A 93 -10.13 -20.88 9.18
CA PRO A 93 -10.60 -20.36 10.47
C PRO A 93 -9.74 -20.83 11.62
N ASP A 94 -9.93 -20.16 12.77
CA ASP A 94 -9.16 -20.53 13.94
C ASP A 94 -9.66 -21.84 14.56
N ASP A 95 -10.96 -22.15 14.41
CA ASP A 95 -11.56 -23.36 14.96
C ASP A 95 -11.62 -24.51 13.96
N PHE A 96 -10.71 -24.52 12.99
CA PHE A 96 -10.82 -25.45 11.86
C PHE A 96 -10.79 -26.89 12.35
N THR A 97 -11.73 -27.69 11.84
CA THR A 97 -11.82 -29.12 12.16
C THR A 97 -11.73 -29.92 10.85
N GLY A 98 -10.53 -30.44 10.59
CA GLY A 98 -10.23 -31.10 9.32
C GLY A 98 -8.73 -31.31 9.17
N CYS A 99 -8.28 -31.40 7.92
CA CYS A 99 -6.88 -31.70 7.66
C CYS A 99 -6.37 -30.92 6.45
N VAL A 100 -5.04 -30.82 6.38
CA VAL A 100 -4.31 -30.13 5.32
C VAL A 100 -3.27 -31.10 4.76
N ILE A 101 -3.37 -31.41 3.47
CA ILE A 101 -2.46 -32.34 2.81
C ILE A 101 -1.69 -31.57 1.74
N ALA A 102 -0.38 -31.78 1.66
CA ALA A 102 0.41 -31.15 0.60
C ALA A 102 1.49 -32.10 0.10
N TRP A 103 1.95 -31.85 -1.12
CA TRP A 103 3.05 -32.63 -1.68
C TRP A 103 3.72 -31.89 -2.83
N ASN A 104 4.99 -32.21 -3.06
CA ASN A 104 5.77 -31.61 -4.14
C ASN A 104 5.28 -32.10 -5.50
N SER A 105 5.22 -31.18 -6.47
CA SER A 105 4.78 -31.52 -7.81
C SER A 105 5.49 -30.63 -8.83
N ASN A 106 6.82 -30.53 -8.69
CA ASN A 106 7.64 -29.89 -9.72
C ASN A 106 7.38 -30.52 -11.09
N ASN A 107 7.48 -31.84 -11.13
CA ASN A 107 7.29 -32.66 -12.32
C ASN A 107 5.93 -32.46 -13.00
N LEU A 108 4.87 -32.19 -12.24
CA LEU A 108 3.57 -31.93 -12.86
C LEU A 108 3.41 -30.48 -13.29
N ASP A 109 3.75 -29.54 -12.42
CA ASP A 109 3.28 -28.17 -12.55
C ASP A 109 4.34 -27.17 -12.99
N SER A 110 5.53 -27.63 -13.37
CA SER A 110 6.58 -26.73 -13.83
C SER A 110 6.92 -27.01 -15.28
N LYS A 111 7.15 -25.95 -16.04
CA LYS A 111 7.61 -26.04 -17.42
C LYS A 111 8.94 -25.32 -17.57
N VAL A 112 9.74 -25.79 -18.52
CA VAL A 112 10.96 -25.08 -18.88
C VAL A 112 10.58 -23.75 -19.53
N GLY A 113 11.26 -22.69 -19.10
CA GLY A 113 10.82 -21.34 -19.43
C GLY A 113 9.70 -20.83 -18.57
N GLY A 114 9.16 -21.66 -17.69
CA GLY A 114 8.16 -21.29 -16.71
C GLY A 114 6.79 -21.89 -17.02
N ASN A 115 6.04 -22.16 -15.96
CA ASN A 115 4.62 -22.51 -16.06
C ASN A 115 3.84 -21.31 -15.56
N TYR A 116 3.35 -20.51 -16.50
CA TYR A 116 2.72 -19.24 -16.19
C TYR A 116 1.22 -19.38 -15.91
N ASN A 117 0.77 -20.57 -15.52
CA ASN A 117 -0.63 -20.90 -15.31
C ASN A 117 -1.13 -20.52 -13.93
N TYR A 118 -0.43 -20.96 -12.90
CA TYR A 118 -0.92 -20.78 -11.54
C TYR A 118 -0.67 -19.35 -11.08
N LEU A 119 -1.73 -18.70 -10.61
CA LEU A 119 -1.71 -17.32 -10.20
C LEU A 119 -1.96 -17.21 -8.72
N TYR A 120 -1.60 -16.07 -8.15
CA TYR A 120 -1.87 -15.80 -6.75
C TYR A 120 -2.19 -14.33 -6.58
N ARG A 121 -2.92 -14.03 -5.52
CA ARG A 121 -3.30 -12.66 -5.21
C ARG A 121 -2.22 -11.99 -4.38
N LEU A 122 -1.81 -10.80 -4.79
CA LEU A 122 -0.72 -10.07 -4.16
C LEU A 122 -1.18 -8.99 -3.22
N PHE A 123 -2.33 -8.37 -3.47
CA PHE A 123 -2.87 -7.29 -2.66
C PHE A 123 -4.33 -7.57 -2.33
N ARG A 124 -4.85 -6.76 -1.40
CA ARG A 124 -6.29 -6.72 -1.14
C ARG A 124 -6.55 -5.66 -0.06
N LYS A 125 -7.66 -4.94 -0.17
CA LYS A 125 -7.99 -3.93 0.84
C LYS A 125 -8.05 -4.55 2.22
N SER A 126 -8.81 -5.64 2.36
CA SER A 126 -9.10 -6.25 3.65
C SER A 126 -8.67 -7.72 3.68
N ASN A 127 -8.60 -8.26 4.89
CA ASN A 127 -8.25 -9.66 5.10
C ASN A 127 -9.47 -10.53 4.84
N LEU A 128 -9.32 -11.51 3.96
CA LEU A 128 -10.32 -12.56 3.81
C LEU A 128 -10.72 -13.15 5.16
N LYS A 129 -12.02 -13.37 5.31
CA LYS A 129 -12.55 -14.21 6.35
C LYS A 129 -12.44 -15.68 5.94
N PRO A 130 -12.39 -16.60 6.91
CA PRO A 130 -12.28 -18.03 6.60
C PRO A 130 -13.15 -18.52 5.46
N PHE A 131 -12.53 -19.21 4.51
CA PHE A 131 -13.18 -19.85 3.37
C PHE A 131 -13.80 -18.86 2.39
N GLU A 132 -13.52 -17.58 2.52
CA GLU A 132 -13.96 -16.61 1.53
C GLU A 132 -13.13 -16.76 0.26
N ARG A 133 -13.77 -16.66 -0.89
CA ARG A 133 -13.08 -16.73 -2.17
C ARG A 133 -13.33 -15.43 -2.92
N ASP A 134 -12.32 -14.99 -3.66
CA ASP A 134 -12.35 -13.72 -4.37
C ASP A 134 -11.58 -13.90 -5.66
N ILE A 135 -12.26 -13.74 -6.80
CA ILE A 135 -11.60 -13.76 -8.10
C ILE A 135 -11.79 -12.46 -8.85
N SER A 136 -12.19 -11.40 -8.16
CA SER A 136 -12.29 -10.08 -8.78
C SER A 136 -10.93 -9.65 -9.31
N THR A 137 -10.95 -8.76 -10.29
CA THR A 137 -9.72 -8.31 -10.92
C THR A 137 -9.61 -6.81 -10.91
N GLU A 138 -9.93 -6.15 -9.80
CA GLU A 138 -9.92 -4.69 -9.85
C GLU A 138 -8.51 -4.21 -9.55
N ILE A 139 -8.10 -3.14 -10.24
CA ILE A 139 -6.81 -2.51 -10.01
C ILE A 139 -6.69 -2.12 -8.55
N TYR A 140 -5.78 -2.76 -7.82
CA TYR A 140 -5.60 -2.48 -6.40
C TYR A 140 -4.92 -1.14 -6.20
N GLN A 141 -5.58 -0.23 -5.50
CA GLN A 141 -5.07 1.11 -5.28
C GLN A 141 -4.25 1.14 -4.00
N ALA A 142 -2.97 1.49 -4.12
CA ALA A 142 -2.03 1.43 -3.01
C ALA A 142 -1.76 2.78 -2.36
N GLY A 143 -2.01 3.88 -3.07
CA GLY A 143 -1.86 5.19 -2.49
C GLY A 143 -3.15 5.98 -2.48
N SER A 144 -3.04 7.28 -2.20
CA SER A 144 -4.23 8.13 -2.16
C SER A 144 -4.83 8.32 -3.55
N THR A 145 -4.00 8.31 -4.58
CA THR A 145 -4.46 8.63 -5.93
C THR A 145 -5.33 7.51 -6.49
N PRO A 146 -6.48 7.84 -7.07
CA PRO A 146 -7.32 6.79 -7.68
C PRO A 146 -6.64 6.17 -8.89
N CYS A 147 -6.87 4.88 -9.06
CA CYS A 147 -6.29 4.15 -10.18
C CYS A 147 -7.06 4.38 -11.48
N ASN A 148 -8.38 4.22 -11.43
CA ASN A 148 -9.26 4.36 -12.59
C ASN A 148 -9.03 3.23 -13.59
N GLY A 149 -8.81 2.02 -13.09
CA GLY A 149 -8.59 0.89 -13.96
C GLY A 149 -7.26 0.89 -14.69
N VAL A 150 -6.59 2.04 -14.76
CA VAL A 150 -5.34 2.16 -15.50
C VAL A 150 -4.17 1.86 -14.59
N GLU A 151 -3.35 0.89 -14.97
CA GLU A 151 -2.25 0.48 -14.14
C GLU A 151 -1.12 1.50 -14.18
N GLY A 152 -0.31 1.49 -13.13
CA GLY A 152 0.76 2.45 -12.98
C GLY A 152 1.22 2.50 -11.53
N PHE A 153 1.91 3.59 -11.20
CA PHE A 153 2.49 3.74 -9.87
C PHE A 153 1.41 3.69 -8.80
N ASN A 154 1.63 2.83 -7.80
CA ASN A 154 0.68 2.62 -6.70
C ASN A 154 -0.69 2.19 -7.23
N CYS A 155 -0.69 1.40 -8.30
CA CYS A 155 -1.89 0.99 -9.01
C CYS A 155 -1.58 -0.33 -9.71
N TYR A 156 -1.68 -1.41 -8.95
CA TYR A 156 -1.14 -2.70 -9.36
C TYR A 156 -2.26 -3.67 -9.72
N PHE A 157 -1.96 -4.56 -10.66
CA PHE A 157 -2.86 -5.65 -10.95
C PHE A 157 -2.85 -6.62 -9.77
N PRO A 158 -4.01 -6.97 -9.21
CA PRO A 158 -4.01 -7.71 -7.93
C PRO A 158 -3.47 -9.11 -8.02
N LEU A 159 -3.14 -9.62 -9.20
CA LEU A 159 -2.77 -11.01 -9.38
C LEU A 159 -1.45 -11.12 -10.12
N GLN A 160 -0.61 -12.05 -9.69
CA GLN A 160 0.67 -12.32 -10.32
C GLN A 160 0.82 -13.81 -10.57
N SER A 161 1.69 -14.13 -11.52
CA SER A 161 1.94 -15.53 -11.87
C SER A 161 3.17 -16.03 -11.12
N TYR A 162 3.09 -17.27 -10.66
CA TYR A 162 4.25 -17.94 -10.12
C TYR A 162 5.28 -18.19 -11.22
N GLY A 163 6.54 -18.29 -10.84
CA GLY A 163 7.56 -18.63 -11.82
C GLY A 163 7.37 -20.06 -12.29
N PHE A 164 7.50 -20.99 -11.34
CA PHE A 164 7.33 -22.42 -11.58
C PHE A 164 8.15 -22.86 -12.79
N GLN A 165 9.46 -22.65 -12.67
CA GLN A 165 10.52 -23.28 -13.44
C GLN A 165 11.02 -24.50 -12.69
N PRO A 166 11.31 -25.60 -13.39
CA PRO A 166 11.82 -26.81 -12.71
C PRO A 166 13.20 -26.62 -12.10
N THR A 167 13.84 -25.49 -12.34
CA THR A 167 15.19 -25.22 -11.86
C THR A 167 15.22 -24.61 -10.46
N ASN A 168 14.12 -23.95 -10.07
CA ASN A 168 14.03 -23.22 -8.82
C ASN A 168 14.39 -24.11 -7.62
N GLY A 169 14.70 -23.47 -6.50
CA GLY A 169 14.80 -24.19 -5.26
C GLY A 169 13.45 -24.78 -4.87
N VAL A 170 13.48 -25.91 -4.15
CA VAL A 170 12.22 -26.51 -3.68
C VAL A 170 11.41 -25.46 -2.94
N GLY A 171 12.10 -24.51 -2.32
CA GLY A 171 11.43 -23.38 -1.72
C GLY A 171 10.44 -22.73 -2.64
N TYR A 172 10.77 -22.59 -3.92
CA TYR A 172 9.79 -21.77 -4.61
C TYR A 172 9.29 -22.59 -5.79
N GLN A 173 8.87 -23.82 -5.47
CA GLN A 173 8.45 -24.80 -6.44
C GLN A 173 6.98 -25.15 -6.24
N PRO A 174 6.26 -25.58 -7.28
CA PRO A 174 4.83 -25.87 -7.11
C PRO A 174 4.52 -26.97 -6.10
N TYR A 175 3.49 -26.72 -5.27
CA TYR A 175 3.01 -27.72 -4.32
C TYR A 175 1.50 -27.91 -4.47
N ARG A 176 1.07 -29.17 -4.50
CA ARG A 176 -0.34 -29.51 -4.57
C ARG A 176 -0.88 -29.50 -3.16
N VAL A 177 -2.01 -28.83 -2.93
CA VAL A 177 -2.56 -28.72 -1.58
C VAL A 177 -4.04 -29.09 -1.62
N VAL A 178 -4.45 -29.98 -0.72
CA VAL A 178 -5.85 -30.33 -0.54
C VAL A 178 -6.21 -30.14 0.92
N VAL A 179 -7.34 -29.47 1.17
CA VAL A 179 -7.82 -29.17 2.52
C VAL A 179 -9.16 -29.86 2.69
N LEU A 180 -9.25 -30.76 3.65
CA LEU A 180 -10.47 -31.48 3.97
C LEU A 180 -11.16 -30.77 5.14
N SER A 181 -12.29 -30.12 4.86
CA SER A 181 -13.08 -29.45 5.89
C SER A 181 -14.31 -30.29 6.21
N PHE A 182 -14.48 -30.62 7.49
CA PHE A 182 -15.64 -31.37 7.96
C PHE A 182 -16.60 -30.44 8.67
N GLU A 183 -17.84 -30.39 8.21
CA GLU A 183 -18.88 -29.63 8.92
C GLU A 183 -20.15 -30.48 9.08
N GLU B 1 3.91 6.72 17.39
CA GLU B 1 5.00 7.68 17.56
C GLU B 1 5.72 7.95 16.24
N VAL B 2 4.98 8.42 15.22
CA VAL B 2 5.54 8.54 13.88
C VAL B 2 6.64 9.59 13.86
N GLN B 3 7.79 9.21 13.31
CA GLN B 3 8.90 10.13 13.17
C GLN B 3 9.54 9.95 11.81
N LEU B 4 9.69 11.06 11.09
CA LEU B 4 10.45 11.13 9.85
C LEU B 4 11.67 12.00 10.12
N GLN B 5 12.84 11.39 10.17
CA GLN B 5 14.08 12.09 10.49
C GLN B 5 14.96 12.12 9.25
N GLN B 6 15.20 13.33 8.74
CA GLN B 6 16.04 13.50 7.54
C GLN B 6 17.48 13.82 7.98
N SER B 7 18.39 13.78 7.02
CA SER B 7 19.80 14.08 7.16
C SER B 7 20.02 15.60 7.24
N GLY B 8 21.25 15.97 7.57
CA GLY B 8 21.58 17.35 7.86
C GLY B 8 21.72 18.18 6.60
N PRO B 9 21.96 19.48 6.80
CA PRO B 9 22.13 20.38 5.66
C PRO B 9 23.38 20.07 4.87
N GLU B 10 23.26 20.15 3.55
CA GLU B 10 24.31 19.80 2.61
C GLU B 10 24.71 21.07 1.88
N LEU B 11 25.96 21.48 1.99
CA LEU B 11 26.49 22.54 1.14
C LEU B 11 27.45 21.89 0.15
N VAL B 12 27.11 21.99 -1.13
CA VAL B 12 27.89 21.38 -2.19
C VAL B 12 28.11 22.41 -3.29
N LYS B 13 29.27 22.32 -3.91
CA LYS B 13 29.63 23.27 -4.98
C LYS B 13 28.93 22.82 -6.27
N PRO B 14 28.63 23.75 -7.20
CA PRO B 14 27.93 23.46 -8.43
C PRO B 14 28.41 22.28 -9.26
N GLY B 15 27.46 21.59 -9.90
CA GLY B 15 27.75 20.47 -10.79
C GLY B 15 27.96 19.15 -10.06
N ALA B 16 27.96 19.17 -8.74
CA ALA B 16 28.23 17.95 -7.94
C ALA B 16 26.96 17.18 -7.66
N SER B 17 27.01 16.41 -6.60
CA SER B 17 25.90 15.53 -6.22
C SER B 17 25.95 15.33 -4.71
N VAL B 18 24.82 14.90 -4.15
CA VAL B 18 24.67 14.65 -2.73
C VAL B 18 23.44 13.76 -2.51
N LYS B 19 23.51 12.92 -1.48
CA LYS B 19 22.46 11.95 -1.16
C LYS B 19 21.91 12.24 0.22
N ILE B 20 20.70 12.81 0.28
CA ILE B 20 20.01 13.03 1.54
C ILE B 20 19.15 11.82 1.87
N SER B 21 18.83 11.68 3.15
CA SER B 21 18.13 10.50 3.64
C SER B 21 16.95 10.93 4.51
N CYS B 22 16.05 9.97 4.74
CA CYS B 22 14.87 10.17 5.59
C CYS B 22 14.67 8.88 6.38
N LYS B 23 15.14 8.88 7.63
CA LYS B 23 15.04 7.71 8.50
C LYS B 23 13.72 7.75 9.26
N THR B 24 12.81 6.84 8.89
CA THR B 24 11.50 6.75 9.52
C THR B 24 11.50 5.76 10.67
N SER B 25 10.56 5.96 11.59
CA SER B 25 10.31 5.00 12.66
C SER B 25 8.94 5.29 13.25
N GLY B 26 8.44 4.33 14.03
CA GLY B 26 7.18 4.45 14.71
C GLY B 26 6.02 3.77 14.03
N TYR B 27 6.22 3.29 12.81
CA TYR B 27 5.18 2.58 12.07
C TYR B 27 5.89 1.52 11.23
N THR B 28 5.10 0.64 10.62
CA THR B 28 5.67 -0.41 9.79
C THR B 28 6.04 0.19 8.44
N PHE B 29 7.34 0.21 8.16
CA PHE B 29 7.90 1.00 7.07
C PHE B 29 7.26 0.66 5.73
N THR B 30 7.14 -0.63 5.42
CA THR B 30 6.77 -1.04 4.07
C THR B 30 5.31 -0.76 3.74
N GLU B 31 4.51 -0.26 4.69
CA GLU B 31 3.07 -0.20 4.49
C GLU B 31 2.60 1.14 3.93
N TYR B 32 3.49 2.14 3.83
CA TYR B 32 3.08 3.49 3.46
C TYR B 32 4.03 4.03 2.42
N THR B 33 3.48 4.55 1.34
CA THR B 33 4.29 5.19 0.31
C THR B 33 4.91 6.47 0.86
N MET B 34 6.09 6.80 0.35
CA MET B 34 6.83 7.99 0.74
C MET B 34 6.99 8.93 -0.43
N TYR B 35 6.94 10.23 -0.15
CA TYR B 35 7.11 11.26 -1.17
C TYR B 35 8.21 12.26 -0.77
N TRP B 36 8.72 12.97 -1.77
CA TRP B 36 9.65 14.08 -1.53
C TRP B 36 9.07 15.34 -2.15
N VAL B 37 9.18 16.45 -1.43
CA VAL B 37 8.61 17.72 -1.84
C VAL B 37 9.71 18.78 -1.81
N LYS B 38 9.79 19.56 -2.88
CA LYS B 38 10.82 20.58 -3.01
C LYS B 38 10.21 21.96 -2.79
N GLN B 39 10.87 22.78 -1.97
CA GLN B 39 10.40 24.12 -1.63
C GLN B 39 11.53 25.11 -1.87
N SER B 40 11.38 25.99 -2.86
CA SER B 40 12.48 26.86 -3.24
C SER B 40 11.94 28.19 -3.75
N HIS B 41 12.80 28.90 -4.49
CA HIS B 41 12.57 30.25 -5.03
C HIS B 41 11.14 30.43 -5.54
N GLY B 42 10.49 31.48 -5.08
CA GLY B 42 9.07 31.59 -5.21
C GLY B 42 8.36 31.09 -3.97
N LYS B 43 9.10 30.37 -3.13
CA LYS B 43 8.69 29.99 -1.77
C LYS B 43 7.48 29.07 -1.78
N SER B 44 7.28 28.42 -2.94
CA SER B 44 6.17 27.55 -3.30
C SER B 44 6.60 26.10 -3.35
N LEU B 45 5.62 25.21 -3.29
CA LEU B 45 5.87 23.79 -3.06
C LEU B 45 5.73 23.02 -4.37
N GLU B 46 6.67 22.13 -4.61
CA GLU B 46 6.77 21.36 -5.85
C GLU B 46 6.89 19.90 -5.46
N TRP B 47 5.91 19.10 -5.84
CA TRP B 47 6.00 17.65 -5.67
C TRP B 47 7.19 17.13 -6.48
N PHE B 48 8.00 16.29 -5.85
CA PHE B 48 9.20 15.79 -6.52
C PHE B 48 9.07 14.37 -7.04
N GLY B 49 8.33 13.51 -6.36
CA GLY B 49 8.26 12.12 -6.75
C GLY B 49 8.02 11.24 -5.55
N GLY B 50 7.65 9.98 -5.83
CA GLY B 50 7.33 9.04 -4.79
C GLY B 50 8.12 7.74 -4.94
N ILE B 51 8.06 6.94 -3.88
CA ILE B 51 8.62 5.59 -3.89
C ILE B 51 7.73 4.72 -3.03
N ASN B 52 7.45 3.51 -3.50
CA ASN B 52 6.73 2.55 -2.68
C ASN B 52 7.74 1.67 -1.96
N PRO B 53 7.81 1.70 -0.64
CA PRO B 53 8.86 0.94 0.06
C PRO B 53 8.74 -0.56 -0.08
N ASN B 54 7.59 -1.04 -0.54
CA ASN B 54 7.37 -2.50 -0.56
C ASN B 54 7.88 -3.15 -1.82
N ASN B 55 7.80 -2.45 -2.95
CA ASN B 55 8.23 -3.04 -4.24
C ASN B 55 9.31 -2.17 -4.87
N GLY B 56 9.61 -1.03 -4.25
CA GLY B 56 10.65 -0.15 -4.81
C GLY B 56 10.15 0.53 -6.07
N ASP B 57 8.82 0.56 -6.25
CA ASP B 57 8.19 1.24 -7.40
C ASP B 57 8.43 2.75 -7.25
N THR B 58 8.63 3.44 -8.38
CA THR B 58 8.90 4.87 -8.37
C THR B 58 8.01 5.60 -9.38
N SER B 59 7.80 6.88 -9.10
CA SER B 59 7.21 7.82 -10.04
C SER B 59 7.95 9.14 -9.89
N TYR B 60 8.43 9.70 -11.00
CA TYR B 60 9.23 10.91 -10.98
C TYR B 60 8.48 12.04 -11.66
N ASN B 61 8.45 13.20 -11.01
CA ASN B 61 7.96 14.41 -11.65
C ASN B 61 8.91 14.78 -12.79
N GLN B 62 8.35 14.91 -13.99
CA GLN B 62 9.19 15.03 -15.16
C GLN B 62 9.82 16.41 -15.35
N LYS B 63 9.51 17.40 -14.51
CA LYS B 63 10.33 18.62 -14.47
C LYS B 63 11.77 18.25 -14.19
N PHE B 64 11.96 17.44 -13.15
CA PHE B 64 13.27 17.11 -12.60
C PHE B 64 13.78 15.79 -13.13
N LYS B 65 13.20 15.30 -14.22
CA LYS B 65 13.61 14.05 -14.85
C LYS B 65 15.12 13.97 -14.94
N GLY B 66 15.69 12.98 -14.28
CA GLY B 66 17.13 12.81 -14.25
C GLY B 66 17.85 13.57 -13.16
N LYS B 67 17.16 14.46 -12.44
CA LYS B 67 17.85 15.19 -11.38
C LYS B 67 18.02 14.37 -10.11
N ALA B 68 17.22 13.31 -9.92
CA ALA B 68 17.34 12.54 -8.69
C ALA B 68 16.87 11.10 -8.88
N THR B 69 17.40 10.23 -8.03
CA THR B 69 17.00 8.83 -7.94
C THR B 69 16.50 8.52 -6.54
N LEU B 70 15.38 7.81 -6.45
CA LEU B 70 14.74 7.50 -5.18
C LEU B 70 14.96 6.03 -4.83
N THR B 71 15.53 5.77 -3.66
CA THR B 71 15.78 4.43 -3.19
C THR B 71 15.27 4.31 -1.76
N VAL B 72 15.13 3.06 -1.30
CA VAL B 72 14.82 2.75 0.09
C VAL B 72 15.75 1.64 0.59
N ASP B 73 15.92 1.60 1.91
CA ASP B 73 16.72 0.57 2.59
C ASP B 73 15.84 0.02 3.71
N LYS B 74 15.24 -1.15 3.46
CA LYS B 74 14.37 -1.74 4.46
C LYS B 74 15.12 -2.20 5.69
N SER B 75 16.44 -2.38 5.57
CA SER B 75 17.25 -2.76 6.74
C SER B 75 17.19 -1.71 7.83
N SER B 76 17.12 -0.44 7.43
CA SER B 76 17.12 0.69 8.36
C SER B 76 15.86 1.54 8.23
N THR B 77 14.85 1.06 7.52
CA THR B 77 13.60 1.78 7.26
C THR B 77 13.86 3.25 6.92
N THR B 78 14.59 3.44 5.82
CA THR B 78 15.08 4.75 5.42
C THR B 78 14.79 4.99 3.95
N ALA B 79 14.34 6.19 3.63
CA ALA B 79 14.16 6.61 2.26
C ALA B 79 15.31 7.53 1.87
N TYR B 80 15.86 7.31 0.69
CA TYR B 80 16.96 8.11 0.17
C TYR B 80 16.54 8.87 -1.06
N MET B 81 17.10 10.05 -1.22
CA MET B 81 17.11 10.76 -2.49
C MET B 81 18.55 11.07 -2.87
N ASP B 82 18.85 10.93 -4.16
CA ASP B 82 20.21 11.08 -4.68
C ASP B 82 20.18 12.14 -5.78
N LEU B 83 20.65 13.35 -5.48
CA LEU B 83 20.61 14.43 -6.45
C LEU B 83 21.84 14.42 -7.34
N ARG B 84 21.78 15.22 -8.40
CA ARG B 84 22.51 14.91 -9.63
C ARG B 84 22.83 16.20 -10.36
N SER B 85 24.11 16.51 -10.54
CA SER B 85 24.57 17.66 -11.30
C SER B 85 23.77 18.91 -10.90
N LEU B 86 23.88 19.26 -9.62
CA LEU B 86 23.10 20.36 -9.09
C LEU B 86 23.50 21.67 -9.76
N THR B 87 22.53 22.57 -9.87
CA THR B 87 22.73 23.92 -10.35
C THR B 87 22.54 24.87 -9.16
N SER B 88 22.08 26.08 -9.43
CA SER B 88 21.59 26.95 -8.38
C SER B 88 20.10 26.74 -8.14
N GLU B 89 19.38 26.18 -9.12
CA GLU B 89 17.99 25.80 -8.91
C GLU B 89 17.86 24.81 -7.78
N ASP B 90 18.74 23.82 -7.75
CA ASP B 90 18.57 22.69 -6.85
C ASP B 90 18.69 23.11 -5.40
N SER B 91 19.33 24.24 -5.12
CA SER B 91 19.35 24.78 -3.76
C SER B 91 17.93 25.09 -3.31
N ALA B 92 17.50 24.43 -2.23
CA ALA B 92 16.11 24.41 -1.81
C ALA B 92 16.04 23.77 -0.44
N VAL B 93 14.83 23.47 0.00
CA VAL B 93 14.58 22.66 1.19
C VAL B 93 13.76 21.46 0.73
N TYR B 94 14.27 20.26 0.97
CA TYR B 94 13.62 19.04 0.54
C TYR B 94 13.01 18.34 1.73
N TYR B 95 11.72 18.06 1.66
CA TYR B 95 11.00 17.35 2.70
C TYR B 95 10.67 15.94 2.22
N CYS B 96 10.75 14.98 3.13
CA CYS B 96 10.19 13.67 2.91
C CYS B 96 8.84 13.66 3.62
N ALA B 97 7.88 12.95 3.03
CA ALA B 97 6.51 13.01 3.51
C ALA B 97 5.83 11.66 3.26
N ARG B 98 4.98 11.24 4.21
CA ARG B 98 4.38 9.91 4.18
C ARG B 98 2.94 9.99 3.70
N ASP B 99 2.63 9.22 2.66
CA ASP B 99 1.24 9.06 2.23
C ASP B 99 0.45 8.36 3.33
N GLY B 100 -0.74 8.90 3.62
CA GLY B 100 -1.52 8.40 4.73
C GLY B 100 -2.42 7.21 4.42
N TYR B 101 -2.65 6.93 3.14
CA TYR B 101 -3.62 5.92 2.73
C TYR B 101 -3.36 4.60 3.45
N PRO B 102 -4.40 3.87 3.87
CA PRO B 102 -5.83 4.16 3.66
C PRO B 102 -6.52 4.98 4.75
N TYR B 103 -5.83 5.23 5.85
CA TYR B 103 -6.42 5.89 7.03
C TYR B 103 -6.62 7.38 6.80
N TYR B 104 -5.52 8.09 6.62
CA TYR B 104 -5.62 9.53 6.29
C TYR B 104 -5.14 9.65 4.84
N PHE B 105 -5.88 10.38 3.99
CA PHE B 105 -5.38 10.55 2.61
C PHE B 105 -4.33 11.68 2.61
N ALA B 106 -3.54 11.77 1.53
CA ALA B 106 -2.46 12.76 1.31
C ALA B 106 -1.28 12.56 2.28
N MET B 107 -0.49 13.62 2.51
CA MET B 107 0.74 13.53 3.34
C MET B 107 0.44 13.91 4.77
N ASP B 108 0.20 12.92 5.61
CA ASP B 108 -0.19 13.14 7.00
C ASP B 108 1.01 13.35 7.93
N TYR B 109 2.22 12.99 7.50
CA TYR B 109 3.43 13.17 8.30
C TYR B 109 4.57 13.67 7.42
N TRP B 110 5.20 14.76 7.84
CA TRP B 110 6.32 15.36 7.13
C TRP B 110 7.58 15.28 7.96
N GLY B 111 8.72 15.49 7.30
CA GLY B 111 10.00 15.53 7.99
C GLY B 111 10.45 16.97 8.26
N GLN B 112 11.61 17.13 8.89
CA GLN B 112 12.01 18.51 9.21
C GLN B 112 12.53 19.25 7.96
N GLY B 113 12.82 18.55 6.85
CA GLY B 113 13.45 19.26 5.76
C GLY B 113 14.97 19.19 5.87
N THR B 114 15.62 19.26 4.71
CA THR B 114 17.08 19.41 4.63
C THR B 114 17.36 20.57 3.69
N SER B 115 18.07 21.58 4.18
CA SER B 115 18.44 22.73 3.36
C SER B 115 19.69 22.40 2.55
N VAL B 116 19.52 22.20 1.25
CA VAL B 116 20.63 22.01 0.31
C VAL B 116 20.91 23.33 -0.36
N THR B 117 22.15 23.81 -0.26
CA THR B 117 22.58 25.03 -0.92
C THR B 117 23.71 24.72 -1.90
N VAL B 118 23.83 25.57 -2.92
CA VAL B 118 24.90 25.42 -3.89
C VAL B 118 25.61 26.76 -4.13
N SER B 135 -0.68 18.41 -19.67
CA SER B 135 -1.88 17.87 -19.04
C SER B 135 -1.74 17.82 -17.52
N ASP B 136 -0.70 18.48 -16.99
CA ASP B 136 -0.60 18.65 -15.56
C ASP B 136 -1.78 19.47 -15.05
N ILE B 137 -2.18 19.21 -13.80
CA ILE B 137 -3.21 20.01 -13.17
C ILE B 137 -2.54 21.13 -12.40
N VAL B 138 -3.11 22.33 -12.45
CA VAL B 138 -2.48 23.51 -11.87
C VAL B 138 -3.42 24.09 -10.81
N MET B 139 -2.99 24.02 -9.55
CA MET B 139 -3.72 24.62 -8.45
C MET B 139 -3.39 26.10 -8.39
N THR B 140 -4.40 26.92 -8.51
CA THR B 140 -4.18 28.38 -8.51
C THR B 140 -4.78 28.95 -7.24
N GLN B 141 -3.98 29.67 -6.47
CA GLN B 141 -4.44 30.27 -5.20
C GLN B 141 -4.42 31.79 -5.36
N SER B 142 -5.57 32.34 -5.70
CA SER B 142 -5.81 33.78 -6.00
C SER B 142 -4.98 34.74 -5.14
N GLN B 143 -5.27 34.85 -3.85
CA GLN B 143 -4.55 35.80 -3.01
C GLN B 143 -3.27 35.16 -2.49
N LYS B 144 -2.15 35.86 -2.63
CA LYS B 144 -0.89 35.48 -2.01
C LYS B 144 -0.70 36.15 -0.67
N PHE B 145 -1.74 36.79 -0.14
CA PHE B 145 -1.63 37.55 1.09
C PHE B 145 -3.00 38.01 1.58
N MET B 146 -3.27 37.74 2.86
CA MET B 146 -4.50 38.14 3.52
C MET B 146 -4.17 38.63 4.93
N SER B 147 -4.98 39.56 5.41
CA SER B 147 -4.79 40.06 6.77
C SER B 147 -6.14 40.11 7.46
N THR B 148 -6.24 39.42 8.61
CA THR B 148 -7.38 39.53 9.49
C THR B 148 -6.90 39.89 10.89
N SER B 149 -7.86 39.93 11.81
CA SER B 149 -7.58 40.06 13.22
C SER B 149 -8.16 38.85 13.95
N VAL B 150 -7.74 38.68 15.21
CA VAL B 150 -8.15 37.49 15.95
C VAL B 150 -9.65 37.49 16.15
N GLY B 151 -10.26 36.32 15.98
CA GLY B 151 -11.68 36.17 16.12
C GLY B 151 -12.46 36.43 14.84
N ASP B 152 -11.81 36.92 13.80
CA ASP B 152 -12.45 37.06 12.51
C ASP B 152 -12.47 35.73 11.76
N ARG B 153 -13.35 35.66 10.76
CA ARG B 153 -13.49 34.52 9.85
C ARG B 153 -12.75 34.87 8.55
N VAL B 154 -12.07 33.90 7.97
CA VAL B 154 -11.33 34.12 6.74
C VAL B 154 -11.42 32.86 5.89
N SER B 155 -11.40 33.05 4.57
CA SER B 155 -11.50 31.94 3.62
C SER B 155 -10.41 32.08 2.56
N VAL B 156 -9.96 30.93 2.06
CA VAL B 156 -8.83 30.88 1.14
C VAL B 156 -9.24 29.97 -0.01
N THR B 157 -9.05 30.44 -1.25
CA THR B 157 -9.55 29.74 -2.42
C THR B 157 -8.42 29.10 -3.22
N CYS B 158 -8.74 27.95 -3.83
CA CYS B 158 -7.95 27.36 -4.90
C CYS B 158 -8.85 26.95 -6.05
N LYS B 159 -8.37 27.19 -7.27
CA LYS B 159 -9.07 26.81 -8.49
C LYS B 159 -8.18 25.81 -9.21
N ALA B 160 -8.67 24.59 -9.38
CA ALA B 160 -7.94 23.56 -10.11
C ALA B 160 -8.27 23.67 -11.60
N SER B 161 -7.27 23.39 -12.44
CA SER B 161 -7.48 23.51 -13.88
C SER B 161 -8.47 22.47 -14.38
N GLN B 162 -8.39 21.25 -13.87
CA GLN B 162 -9.26 20.15 -14.27
C GLN B 162 -10.22 19.81 -13.14
N ASN B 163 -11.07 18.84 -13.41
CA ASN B 163 -11.82 18.16 -12.35
C ASN B 163 -10.87 17.39 -11.44
N VAL B 164 -10.88 17.73 -10.15
CA VAL B 164 -10.36 16.88 -9.09
C VAL B 164 -11.46 16.84 -8.02
N ASP B 165 -12.28 15.81 -8.05
CA ASP B 165 -13.48 15.79 -7.20
C ASP B 165 -13.11 15.25 -5.81
N THR B 166 -12.96 16.18 -4.86
CA THR B 166 -12.64 15.95 -3.44
C THR B 166 -11.26 15.37 -3.18
N ASN B 167 -10.40 15.25 -4.18
CA ASN B 167 -9.04 14.76 -3.93
C ASN B 167 -8.09 15.95 -3.78
N VAL B 168 -8.38 16.73 -2.74
CA VAL B 168 -7.68 17.98 -2.43
C VAL B 168 -7.31 17.96 -0.95
N ALA B 169 -6.16 18.54 -0.64
CA ALA B 169 -5.71 18.64 0.74
C ALA B 169 -5.23 20.06 1.01
N TRP B 170 -5.22 20.43 2.28
CA TRP B 170 -4.79 21.75 2.73
C TRP B 170 -3.70 21.59 3.78
N TYR B 171 -2.63 22.38 3.65
CA TYR B 171 -1.49 22.29 4.54
C TYR B 171 -1.20 23.63 5.20
N GLN B 172 -0.52 23.57 6.33
CA GLN B 172 -0.19 24.72 7.17
C GLN B 172 1.31 24.79 7.33
N GLN B 173 1.91 25.89 6.88
CA GLN B 173 3.34 26.11 7.08
C GLN B 173 3.55 27.28 8.02
N LYS B 174 3.92 26.97 9.23
CA LYS B 174 4.32 28.03 10.14
C LYS B 174 5.78 28.41 9.89
N PRO B 175 6.15 29.65 10.14
CA PRO B 175 7.48 30.13 9.74
C PRO B 175 8.62 29.25 10.24
N GLY B 176 9.49 28.86 9.31
CA GLY B 176 10.65 28.05 9.63
C GLY B 176 10.32 26.61 9.92
N GLN B 177 9.14 26.17 9.55
CA GLN B 177 8.62 24.90 10.00
C GLN B 177 8.04 24.15 8.81
N SER B 178 8.00 22.84 8.90
CA SER B 178 7.51 22.04 7.81
C SER B 178 5.99 22.20 7.70
N PRO B 179 5.44 21.95 6.51
CA PRO B 179 3.99 21.94 6.38
C PRO B 179 3.38 20.85 7.24
N LYS B 180 2.22 21.15 7.81
CA LYS B 180 1.44 20.20 8.59
C LYS B 180 0.06 20.11 7.96
N GLY B 181 -0.41 18.89 7.73
CA GLY B 181 -1.70 18.70 7.07
C GLY B 181 -2.86 19.17 7.95
N LEU B 182 -3.78 19.91 7.32
CA LEU B 182 -4.98 20.41 7.97
C LEU B 182 -6.24 19.66 7.46
N ILE B 183 -6.50 19.77 6.17
CA ILE B 183 -7.70 19.21 5.55
C ILE B 183 -7.25 18.21 4.50
N TYR B 184 -7.83 17.02 4.54
CA TYR B 184 -7.65 16.06 3.47
C TYR B 184 -9.01 15.66 2.93
N SER B 185 -9.00 15.14 1.71
CA SER B 185 -10.22 14.71 1.02
C SER B 185 -11.24 15.85 0.95
N ALA B 186 -10.75 17.05 0.67
CA ALA B 186 -11.52 18.27 0.42
C ALA B 186 -12.14 18.88 1.68
N SER B 187 -12.58 18.05 2.62
CA SER B 187 -13.38 18.55 3.73
C SER B 187 -13.16 17.83 5.05
N HIS B 188 -12.32 16.82 5.12
CA HIS B 188 -12.09 16.08 6.35
C HIS B 188 -10.86 16.61 7.06
N ARG B 189 -10.93 16.68 8.39
CA ARG B 189 -9.84 17.22 9.19
C ARG B 189 -8.88 16.12 9.62
N TYR B 190 -7.58 16.42 9.58
CA TYR B 190 -6.60 15.48 10.08
C TYR B 190 -6.73 15.31 11.60
N SER B 191 -6.04 14.29 12.11
CA SER B 191 -5.99 14.08 13.55
C SER B 191 -5.33 15.27 14.25
N GLY B 192 -6.02 15.83 15.23
CA GLY B 192 -5.48 16.91 16.03
C GLY B 192 -5.72 18.31 15.51
N VAL B 193 -6.49 18.46 14.44
CA VAL B 193 -6.70 19.76 13.81
C VAL B 193 -7.94 20.40 14.42
N PRO B 194 -7.87 21.66 14.85
CA PRO B 194 -9.01 22.28 15.53
C PRO B 194 -10.21 22.41 14.61
N ASP B 195 -11.38 22.57 15.25
CA ASP B 195 -12.65 22.59 14.54
C ASP B 195 -12.85 23.85 13.70
N ARG B 196 -12.10 24.91 13.97
CA ARG B 196 -12.26 26.16 13.23
C ARG B 196 -11.65 26.10 11.85
N PHE B 197 -11.10 24.96 11.44
CA PHE B 197 -10.64 24.72 10.07
C PHE B 197 -11.67 23.82 9.40
N THR B 198 -12.38 24.34 8.41
CA THR B 198 -13.28 23.52 7.61
C THR B 198 -12.93 23.68 6.14
N GLY B 199 -12.93 22.56 5.43
CA GLY B 199 -12.67 22.55 4.00
C GLY B 199 -13.98 22.41 3.22
N SER B 200 -14.04 23.08 2.08
CA SER B 200 -15.23 23.01 1.25
C SER B 200 -14.83 23.18 -0.21
N GLY B 201 -15.49 22.43 -1.06
CA GLY B 201 -15.24 22.48 -2.49
C GLY B 201 -15.38 21.10 -3.11
N SER B 202 -15.53 21.11 -4.43
CA SER B 202 -15.72 19.89 -5.21
C SER B 202 -15.54 20.26 -6.67
N GLY B 203 -14.96 19.34 -7.44
CA GLY B 203 -14.82 19.57 -8.86
C GLY B 203 -13.58 20.36 -9.21
N THR B 204 -13.66 21.70 -9.08
CA THR B 204 -12.52 22.58 -9.45
C THR B 204 -12.24 23.68 -8.42
N ASP B 205 -13.27 24.31 -7.86
CA ASP B 205 -13.06 25.43 -6.89
C ASP B 205 -13.20 24.95 -5.44
N PHE B 206 -12.21 25.24 -4.58
CA PHE B 206 -12.25 24.82 -3.19
C PHE B 206 -11.87 25.97 -2.29
N THR B 207 -12.45 26.00 -1.09
CA THR B 207 -12.11 27.02 -0.11
C THR B 207 -11.70 26.37 1.20
N LEU B 208 -10.91 27.10 1.97
CA LEU B 208 -10.53 26.73 3.33
C LEU B 208 -10.95 27.87 4.25
N THR B 209 -11.89 27.60 5.13
CA THR B 209 -12.37 28.62 6.05
C THR B 209 -11.72 28.40 7.41
N ILE B 210 -11.11 29.46 7.95
CA ILE B 210 -10.63 29.49 9.33
C ILE B 210 -11.62 30.36 10.07
N SER B 211 -12.38 29.76 10.97
CA SER B 211 -13.59 30.42 11.45
C SER B 211 -13.34 31.37 12.61
N ASN B 212 -12.51 30.98 13.58
CA ASN B 212 -12.26 31.79 14.77
C ASN B 212 -10.76 31.98 14.88
N VAL B 213 -10.23 32.87 14.04
CA VAL B 213 -8.79 33.01 13.86
C VAL B 213 -8.12 33.23 15.21
N GLN B 214 -7.21 32.33 15.56
CA GLN B 214 -6.40 32.46 16.76
C GLN B 214 -5.07 33.13 16.44
N SER B 215 -4.37 33.53 17.49
CA SER B 215 -3.04 34.08 17.34
C SER B 215 -2.13 33.11 16.58
N GLU B 216 -2.10 31.86 17.03
CA GLU B 216 -1.22 30.84 16.46
C GLU B 216 -1.59 30.43 15.03
N ASP B 217 -2.56 31.03 14.34
CA ASP B 217 -2.93 30.61 13.00
C ASP B 217 -2.16 31.35 11.90
N LEU B 218 -1.40 32.38 12.27
CA LEU B 218 -0.41 32.98 11.39
C LEU B 218 0.43 31.91 10.71
N ALA B 219 0.32 31.84 9.37
CA ALA B 219 1.01 30.83 8.58
C ALA B 219 0.72 30.95 7.10
N ASP B 220 1.39 30.10 6.32
CA ASP B 220 1.09 29.92 4.90
C ASP B 220 0.17 28.73 4.75
N TYR B 221 -0.80 28.84 3.86
CA TYR B 221 -1.78 27.78 3.64
C TYR B 221 -1.73 27.39 2.18
N PHE B 222 -1.40 26.12 1.91
CA PHE B 222 -1.25 25.58 0.57
C PHE B 222 -2.32 24.54 0.31
N CYS B 223 -2.87 24.56 -0.89
CA CYS B 223 -3.72 23.47 -1.34
C CYS B 223 -2.91 22.53 -2.22
N GLN B 224 -3.43 21.32 -2.37
CA GLN B 224 -2.77 20.29 -3.18
C GLN B 224 -3.84 19.37 -3.73
N GLN B 225 -3.70 19.00 -5.00
CA GLN B 225 -4.51 17.95 -5.59
C GLN B 225 -3.72 16.65 -5.64
N TYR B 226 -4.41 15.54 -5.40
CA TYR B 226 -3.82 14.21 -5.55
C TYR B 226 -4.73 13.34 -6.39
N ASN B 227 -5.31 13.92 -7.44
CA ASN B 227 -6.20 13.15 -8.32
C ASN B 227 -5.41 12.33 -9.32
N THR B 228 -4.39 12.92 -9.94
CA THR B 228 -3.40 12.22 -10.74
C THR B 228 -2.01 12.70 -10.39
N TYR B 229 -1.02 11.93 -10.83
CA TYR B 229 0.37 12.29 -10.79
C TYR B 229 0.71 13.18 -12.00
N PRO B 230 1.62 14.15 -11.83
CA PRO B 230 2.24 14.50 -10.56
C PRO B 230 1.26 15.21 -9.62
N TRP B 231 1.62 15.28 -8.34
CA TRP B 231 0.86 16.07 -7.40
C TRP B 231 1.29 17.52 -7.51
N THR B 232 0.34 18.44 -7.32
CA THR B 232 0.63 19.83 -7.58
C THR B 232 0.06 20.70 -6.47
N PHE B 233 0.72 21.81 -6.22
CA PHE B 233 0.40 22.70 -5.10
C PHE B 233 -0.07 24.05 -5.62
N GLY B 234 -0.77 24.77 -4.75
CA GLY B 234 -0.96 26.19 -4.98
C GLY B 234 0.29 26.98 -4.62
N GLY B 235 0.25 28.27 -4.92
CA GLY B 235 1.40 29.12 -4.60
C GLY B 235 1.50 29.52 -3.14
N GLY B 236 0.46 29.24 -2.36
CA GLY B 236 0.39 29.64 -0.97
C GLY B 236 -0.44 30.88 -0.78
N THR B 237 -0.82 31.12 0.47
CA THR B 237 -1.51 32.35 0.88
C THR B 237 -0.98 32.71 2.26
N LYS B 238 -0.08 33.70 2.31
CA LYS B 238 0.31 34.25 3.60
C LYS B 238 -0.92 34.79 4.31
N LEU B 239 -1.02 34.50 5.60
CA LEU B 239 -2.12 34.99 6.42
C LEU B 239 -1.50 35.64 7.64
N GLU B 240 -1.82 36.92 7.85
CA GLU B 240 -1.16 37.72 8.85
C GLU B 240 -2.16 38.30 9.83
N ILE B 241 -1.77 38.38 11.10
CA ILE B 241 -2.69 38.65 12.20
C ILE B 241 -2.25 39.92 12.90
N LYS B 242 -3.21 40.62 13.50
CA LYS B 242 -2.97 41.92 14.13
C LYS B 242 -4.09 42.17 15.13
N ALA B 243 -3.74 42.62 16.34
CA ALA B 243 -4.74 42.99 17.36
C ALA B 243 -4.16 43.51 18.66
N ALA B 244 -4.61 44.71 19.08
CA ALA B 244 -4.28 45.31 20.36
C ALA B 244 -5.03 46.63 20.53
#